data_4HA3
#
_entry.id   4HA3
#
_cell.length_a   84.180
_cell.length_b   84.180
_cell.length_c   166.220
_cell.angle_alpha   90.00
_cell.angle_beta   90.00
_cell.angle_gamma   90.00
#
_symmetry.space_group_name_H-M   'P 42 21 2'
#
loop_
_entity.id
_entity.type
_entity.pdbx_description
1 polymer Beta-galactosidase
2 non-polymer 2-AMINO-2-HYDROXYMETHYL-PROPANE-1,3-DIOL
3 non-polymer GLYCEROL
4 non-polymer 'MAGNESIUM ION'
5 non-polymer DI(HYDROXYETHYL)ETHER
6 water water
#
_entity_poly.entity_id   1
_entity_poly.type   'polypeptide(L)'
_entity_poly.pdbx_seq_one_letter_code
;AVTFPKDFLFGWSQAGFQSEMGTPGSEDPNSDWYAWVHDRENIAAGLVSGDFPENGPGYWGNYRKFHDAAQAMGLTAARI
GVEWSRIFPRPTFDVKVDAEVKGDDVLSVYVSEGALEQLDKMANRDAINHYREMFSDLRSRGITFILNLYHWPLPLWLHD
PIAIRRGNLSAPSGWLDVRTVIEFAKFSAYVAWKLDDLVYMYSTMNEPNVVWGLGYAAVKSGFPPGYLCLECAGRAMKNL
VQAHARAYDAVKAITKKPVGVIYANSDFTPLTDADREAAERAKFDNRWAFFDAVVRGQLGGSTRDDLKGRLDWIGVNYYT
RQVVRARGSGYEIVPGYGHGCEPNGVSPAGRPCSDFGWEFYPEGLYNVLKEYWDRYHLPLLVTENGIADEGDYQRPYYLV
SHVYQVHRALQDGVNVIGYLHWSLADNYEWASGFSKRFGLLMVDYSTKRLHWRPSAFIYREIAKSRAITDEIEHLNSVPP
LRGLSPGHR
;
_entity_poly.pdbx_strand_id   A
#
loop_
_chem_comp.id
_chem_comp.type
_chem_comp.name
_chem_comp.formula
GOL non-polymer GLYCEROL 'C3 H8 O3'
MG non-polymer 'MAGNESIUM ION' 'Mg 2'
PEG non-polymer DI(HYDROXYETHYL)ETHER 'C4 H10 O3'
TRS non-polymer 2-AMINO-2-HYDROXYMETHYL-PROPANE-1,3-DIOL 'C4 H12 N O3 1'
#
# COMPACT_ATOMS: atom_id res chain seq x y z
N ALA A 1 1.08 4.20 31.16
CA ALA A 1 1.39 3.51 29.87
C ALA A 1 0.09 3.35 29.10
N VAL A 2 0.22 3.18 27.80
CA VAL A 2 -0.93 2.93 26.92
C VAL A 2 -0.71 1.52 26.39
N THR A 3 -1.50 0.57 26.89
CA THR A 3 -1.23 -0.82 26.71
C THR A 3 -2.18 -1.41 25.67
N PHE A 4 -1.64 -2.27 24.83
CA PHE A 4 -2.44 -2.95 23.81
C PHE A 4 -2.72 -4.38 24.22
N PRO A 5 -3.74 -4.98 23.62
CA PRO A 5 -4.01 -6.40 23.91
C PRO A 5 -2.83 -7.29 23.58
N LYS A 6 -2.73 -8.42 24.26
CA LYS A 6 -1.61 -9.33 24.09
C LYS A 6 -1.48 -9.86 22.66
N ASP A 7 -2.60 -10.01 21.96
CA ASP A 7 -2.62 -10.52 20.56
C ASP A 7 -2.40 -9.41 19.53
N PHE A 8 -2.33 -8.15 19.97
CA PHE A 8 -2.25 -7.04 19.01
C PHE A 8 -0.90 -7.09 18.29
N LEU A 9 -0.92 -6.89 16.99
CA LEU A 9 0.28 -7.07 16.19
C LEU A 9 1.00 -5.75 15.98
N PHE A 10 2.28 -5.70 16.26
CA PHE A 10 3.12 -4.60 15.90
C PHE A 10 4.11 -5.08 14.88
N GLY A 11 4.14 -4.44 13.72
CA GLY A 11 5.01 -4.95 12.68
C GLY A 11 5.33 -3.89 11.66
N TRP A 12 5.54 -4.33 10.45
CA TRP A 12 5.90 -3.43 9.39
C TRP A 12 5.26 -3.95 8.12
N SER A 13 5.22 -3.06 7.14
CA SER A 13 4.79 -3.38 5.81
C SER A 13 5.89 -3.09 4.84
N GLN A 14 5.85 -3.80 3.72
CA GLN A 14 6.94 -3.73 2.73
C GLN A 14 6.41 -4.17 1.38
N ALA A 15 6.91 -3.57 0.32
CA ALA A 15 6.55 -3.89 -1.06
C ALA A 15 7.71 -4.61 -1.70
N GLY A 16 7.38 -5.46 -2.65
CA GLY A 16 8.42 -6.18 -3.40
C GLY A 16 9.25 -5.23 -4.23
N PHE A 17 8.60 -4.52 -5.12
CA PHE A 17 9.34 -3.63 -6.01
C PHE A 17 10.12 -2.58 -5.26
N GLN A 18 9.58 -2.08 -4.14
CA GLN A 18 10.26 -1.01 -3.44
C GLN A 18 11.51 -1.49 -2.70
N SER A 19 11.53 -2.76 -2.28
CA SER A 19 12.59 -3.22 -1.39
C SER A 19 13.43 -4.36 -1.86
N GLU A 20 12.97 -5.15 -2.83
CA GLU A 20 13.66 -6.39 -3.17
C GLU A 20 14.99 -6.20 -3.85
N MET A 21 15.02 -5.40 -4.88
CA MET A 21 16.23 -5.33 -5.68
C MET A 21 17.33 -4.61 -4.96
N GLY A 22 18.55 -4.88 -5.41
CA GLY A 22 19.75 -4.21 -4.94
C GLY A 22 20.87 -5.18 -4.70
N THR A 23 20.55 -6.46 -4.63
CA THR A 23 21.56 -7.52 -4.48
C THR A 23 21.75 -8.30 -5.78
N PRO A 24 22.92 -8.85 -5.97
CA PRO A 24 23.12 -9.57 -7.23
C PRO A 24 22.11 -10.67 -7.44
N GLY A 25 21.62 -10.78 -8.67
CA GLY A 25 20.66 -11.80 -9.03
C GLY A 25 19.23 -11.44 -8.75
N SER A 26 19.02 -10.25 -8.18
CA SER A 26 17.67 -9.83 -7.82
C SER A 26 16.93 -9.05 -8.90
N GLU A 27 17.62 -8.63 -9.96
CA GLU A 27 17.02 -7.64 -10.84
C GLU A 27 15.84 -8.25 -11.58
N ASP A 28 14.71 -7.55 -11.55
CA ASP A 28 13.54 -7.95 -12.27
C ASP A 28 13.18 -6.83 -13.22
N PRO A 29 13.52 -6.98 -14.50
CA PRO A 29 13.25 -5.93 -15.46
C PRO A 29 11.88 -6.03 -16.09
N ASN A 30 11.04 -6.96 -15.63
CA ASN A 30 9.92 -7.38 -16.42
C ASN A 30 8.61 -6.81 -15.92
N SER A 31 8.65 -5.59 -15.38
CA SER A 31 7.44 -4.90 -14.94
C SER A 31 7.26 -3.56 -15.61
N ASP A 32 6.00 -3.15 -15.69
CA ASP A 32 5.70 -1.82 -16.17
C ASP A 32 6.45 -0.75 -15.39
N TRP A 33 6.49 -0.86 -14.08
CA TRP A 33 7.15 0.11 -13.26
C TRP A 33 8.63 0.13 -13.51
N TYR A 34 9.26 -1.02 -13.72
CA TYR A 34 10.67 -1.01 -14.07
C TYR A 34 10.89 -0.26 -15.39
N ALA A 35 10.15 -0.60 -16.43
CA ALA A 35 10.28 0.11 -17.70
C ALA A 35 10.05 1.61 -17.50
N TRP A 36 9.03 1.92 -16.72
CA TRP A 36 8.61 3.28 -16.53
C TRP A 36 9.71 4.14 -15.94
N VAL A 37 10.38 3.64 -14.91
CA VAL A 37 11.37 4.44 -14.23
C VAL A 37 12.70 4.50 -14.96
N HIS A 38 12.87 3.63 -15.95
CA HIS A 38 14.08 3.64 -16.77
C HIS A 38 13.88 4.38 -18.05
N ASP A 39 12.65 4.81 -18.31
CA ASP A 39 12.35 5.49 -19.56
C ASP A 39 13.01 6.84 -19.63
N ARG A 40 13.79 7.05 -20.69
CA ARG A 40 14.57 8.23 -20.78
C ARG A 40 13.75 9.52 -20.80
N GLU A 41 12.62 9.46 -21.47
CA GLU A 41 11.78 10.64 -21.56
C GLU A 41 11.19 10.98 -20.21
N ASN A 42 10.75 9.95 -19.48
CA ASN A 42 10.28 10.18 -18.15
C ASN A 42 11.32 10.78 -17.25
N ILE A 43 12.54 10.29 -17.35
CA ILE A 43 13.63 10.79 -16.54
C ILE A 43 13.93 12.26 -16.90
N ALA A 44 14.03 12.52 -18.18
CA ALA A 44 14.37 13.87 -18.63
C ALA A 44 13.28 14.85 -18.24
N ALA A 45 12.03 14.38 -18.20
CA ALA A 45 10.92 15.24 -17.82
C ALA A 45 10.84 15.46 -16.33
N GLY A 46 11.57 14.71 -15.54
CA GLY A 46 11.42 14.77 -14.12
C GLY A 46 10.16 14.07 -13.62
N LEU A 47 9.52 13.29 -14.47
CA LEU A 47 8.38 12.51 -13.98
C LEU A 47 8.84 11.50 -12.98
N VAL A 48 9.98 10.87 -13.23
CA VAL A 48 10.61 9.96 -12.31
C VAL A 48 11.97 10.52 -11.91
N SER A 49 12.49 10.05 -10.79
CA SER A 49 13.67 10.64 -10.17
C SER A 49 14.96 10.42 -10.89
N GLY A 50 14.99 9.37 -11.70
CA GLY A 50 16.23 8.87 -12.28
C GLY A 50 16.89 7.82 -11.46
N ASP A 51 16.43 7.62 -10.24
CA ASP A 51 16.91 6.51 -9.41
C ASP A 51 16.23 5.24 -9.90
N PHE A 52 16.90 4.12 -9.72
CA PHE A 52 16.43 2.87 -10.23
C PHE A 52 16.33 1.83 -9.15
N PRO A 53 15.32 0.98 -9.23
CA PRO A 53 15.10 0.04 -8.11
C PRO A 53 16.18 -1.00 -7.94
N GLU A 54 16.88 -1.31 -9.03
CA GLU A 54 17.96 -2.26 -8.95
C GLU A 54 19.11 -1.78 -8.08
N ASN A 55 19.14 -0.51 -7.70
CA ASN A 55 20.09 0.02 -6.76
C ASN A 55 19.56 0.13 -5.34
N GLY A 56 18.52 -0.66 -5.07
CA GLY A 56 17.78 -0.57 -3.84
C GLY A 56 18.30 -1.34 -2.67
N PRO A 57 17.43 -1.58 -1.68
CA PRO A 57 17.92 -2.03 -0.40
C PRO A 57 18.22 -3.51 -0.34
N GLY A 58 17.84 -4.29 -1.34
CA GLY A 58 18.34 -5.64 -1.48
C GLY A 58 17.69 -6.68 -0.59
N TYR A 59 16.40 -6.52 -0.28
CA TYR A 59 15.70 -7.49 0.52
C TYR A 59 15.76 -8.88 -0.15
N TRP A 60 15.77 -8.93 -1.47
CA TRP A 60 15.78 -10.21 -2.16
C TRP A 60 16.94 -11.07 -1.66
N GLY A 61 18.12 -10.47 -1.55
CA GLY A 61 19.28 -11.21 -1.08
C GLY A 61 19.48 -11.13 0.41
N ASN A 62 19.10 -9.99 1.00
CA ASN A 62 19.47 -9.70 2.38
C ASN A 62 18.29 -9.84 3.36
N TYR A 63 17.23 -10.51 2.92
CA TYR A 63 16.04 -10.64 3.76
C TYR A 63 16.35 -11.11 5.19
N ARG A 64 17.31 -12.01 5.36
CA ARG A 64 17.57 -12.51 6.69
C ARG A 64 17.96 -11.39 7.66
N LYS A 65 18.71 -10.41 7.16
CA LYS A 65 19.15 -9.28 7.97
C LYS A 65 17.99 -8.32 8.26
N PHE A 66 17.07 -8.20 7.31
CA PHE A 66 15.86 -7.41 7.55
C PHE A 66 15.09 -8.10 8.67
N HIS A 67 14.93 -9.41 8.54
CA HIS A 67 14.18 -10.16 9.54
C HIS A 67 14.88 -10.15 10.90
N ASP A 68 16.19 -10.22 10.87
CA ASP A 68 16.98 -10.10 12.11
C ASP A 68 16.63 -8.81 12.82
N ALA A 69 16.60 -7.71 12.07
CA ALA A 69 16.32 -6.43 12.68
C ALA A 69 14.90 -6.40 13.23
N ALA A 70 13.96 -6.89 12.47
CA ALA A 70 12.56 -6.89 12.89
C ALA A 70 12.42 -7.72 14.17
N GLN A 71 13.11 -8.85 14.21
CA GLN A 71 13.04 -9.72 15.36
C GLN A 71 13.66 -9.02 16.58
N ALA A 72 14.82 -8.40 16.38
CA ALA A 72 15.48 -7.63 17.44
C ALA A 72 14.53 -6.52 17.94
N MET A 73 13.73 -5.96 17.03
CA MET A 73 12.81 -4.89 17.38
C MET A 73 11.55 -5.38 18.03
N GLY A 74 11.36 -6.70 18.10
CA GLY A 74 10.19 -7.27 18.76
C GLY A 74 8.96 -7.36 17.90
N LEU A 75 9.14 -7.16 16.60
CA LEU A 75 7.99 -7.14 15.69
C LEU A 75 7.41 -8.53 15.53
N THR A 76 6.08 -8.57 15.52
CA THR A 76 5.34 -9.82 15.46
C THR A 76 4.58 -10.02 14.17
N ALA A 77 4.65 -9.08 13.24
CA ALA A 77 3.91 -9.23 11.98
C ALA A 77 4.61 -8.49 10.89
N ALA A 78 4.42 -8.98 9.68
CA ALA A 78 4.86 -8.28 8.50
C ALA A 78 3.82 -8.47 7.43
N ARG A 79 3.48 -7.39 6.75
CA ARG A 79 2.74 -7.46 5.52
C ARG A 79 3.75 -7.20 4.41
N ILE A 80 3.95 -8.17 3.56
CA ILE A 80 4.97 -8.07 2.52
C ILE A 80 4.33 -8.51 1.23
N GLY A 81 4.69 -7.83 0.16
CA GLY A 81 4.15 -8.16 -1.12
C GLY A 81 4.97 -9.12 -1.90
N VAL A 82 4.28 -9.77 -2.83
CA VAL A 82 4.93 -10.56 -3.88
C VAL A 82 4.73 -9.85 -5.20
N GLU A 83 5.65 -10.04 -6.11
CA GLU A 83 5.57 -9.40 -7.41
C GLU A 83 5.16 -10.34 -8.52
N TRP A 84 3.99 -10.09 -9.03
CA TRP A 84 3.46 -10.77 -10.18
C TRP A 84 4.49 -10.85 -11.28
N SER A 85 5.20 -9.77 -11.55
CA SER A 85 6.16 -9.76 -12.61
C SER A 85 7.27 -10.77 -12.44
N ARG A 86 7.63 -11.08 -11.21
CA ARG A 86 8.65 -12.07 -10.95
C ARG A 86 8.11 -13.46 -11.16
N ILE A 87 6.89 -13.67 -10.73
CA ILE A 87 6.30 -15.00 -10.74
C ILE A 87 5.87 -15.40 -12.11
N PHE A 88 5.28 -14.48 -12.87
CA PHE A 88 4.85 -14.75 -14.24
C PHE A 88 5.44 -13.72 -15.15
N PRO A 89 6.73 -13.83 -15.46
CA PRO A 89 7.34 -12.93 -16.42
C PRO A 89 6.83 -13.11 -17.84
N ARG A 90 6.19 -14.24 -18.09
CA ARG A 90 5.64 -14.53 -19.41
C ARG A 90 4.14 -14.69 -19.29
N PRO A 91 3.44 -14.43 -20.39
CA PRO A 91 2.00 -14.34 -20.33
C PRO A 91 1.29 -15.61 -19.94
N THR A 92 0.23 -15.46 -19.19
CA THR A 92 -0.58 -16.56 -18.73
C THR A 92 -1.94 -16.58 -19.39
N PHE A 93 -2.16 -15.73 -20.39
CA PHE A 93 -3.42 -15.65 -21.08
C PHE A 93 -3.91 -17.00 -21.59
N ASP A 94 -2.98 -17.83 -22.01
CA ASP A 94 -3.38 -19.10 -22.65
C ASP A 94 -3.81 -20.15 -21.66
N VAL A 95 -3.68 -19.90 -20.36
CA VAL A 95 -4.21 -20.83 -19.37
C VAL A 95 -5.69 -20.62 -19.26
N LYS A 96 -6.43 -21.63 -19.70
CA LYS A 96 -7.88 -21.52 -19.75
C LYS A 96 -8.49 -21.59 -18.38
N VAL A 97 -9.40 -20.64 -18.13
CA VAL A 97 -10.20 -20.62 -16.95
C VAL A 97 -11.63 -20.36 -17.32
N ASP A 98 -12.53 -20.58 -16.39
CA ASP A 98 -13.95 -20.36 -16.63
C ASP A 98 -14.26 -18.99 -16.10
N ALA A 99 -14.49 -18.04 -17.00
CA ALA A 99 -14.75 -16.66 -16.62
C ALA A 99 -16.01 -16.19 -17.32
N GLU A 100 -16.94 -15.63 -16.56
CA GLU A 100 -18.12 -15.02 -17.13
C GLU A 100 -17.82 -13.54 -17.29
N VAL A 101 -17.69 -13.11 -18.53
CA VAL A 101 -17.42 -11.73 -18.87
C VAL A 101 -18.57 -11.21 -19.70
N LYS A 102 -19.20 -10.14 -19.23
CA LYS A 102 -20.29 -9.46 -19.96
C LYS A 102 -19.82 -8.05 -20.20
N GLY A 103 -19.27 -7.81 -21.38
CA GLY A 103 -18.65 -6.54 -21.74
C GLY A 103 -17.53 -6.18 -20.78
N ASP A 104 -17.75 -5.10 -20.03
CA ASP A 104 -16.78 -4.60 -19.07
C ASP A 104 -16.79 -5.36 -17.77
N ASP A 105 -17.78 -6.23 -17.57
CA ASP A 105 -17.97 -6.87 -16.27
C ASP A 105 -17.42 -8.28 -16.24
N VAL A 106 -16.57 -8.54 -15.27
CA VAL A 106 -16.03 -9.85 -15.04
C VAL A 106 -16.77 -10.35 -13.81
N LEU A 107 -17.74 -11.22 -14.03
CA LEU A 107 -18.64 -11.64 -12.97
C LEU A 107 -18.15 -12.84 -12.15
N SER A 108 -17.28 -13.62 -12.78
CA SER A 108 -16.70 -14.76 -12.13
C SER A 108 -15.47 -15.20 -12.86
N VAL A 109 -14.56 -15.83 -12.12
CA VAL A 109 -13.38 -16.45 -12.66
C VAL A 109 -13.14 -17.64 -11.79
N TYR A 110 -13.29 -18.82 -12.37
CA TYR A 110 -12.98 -20.05 -11.67
C TYR A 110 -11.69 -20.63 -12.20
N VAL A 111 -10.78 -20.90 -11.29
CA VAL A 111 -9.46 -21.40 -11.65
C VAL A 111 -9.35 -22.84 -11.16
N SER A 112 -9.36 -23.75 -12.12
CA SER A 112 -9.37 -25.17 -11.82
C SER A 112 -8.00 -25.60 -11.37
N GLU A 113 -7.94 -26.78 -10.75
CA GLU A 113 -6.66 -27.35 -10.41
C GLU A 113 -5.79 -27.58 -11.66
N GLY A 114 -6.40 -28.00 -12.76
CA GLY A 114 -5.68 -28.10 -13.99
C GLY A 114 -5.03 -26.79 -14.41
N ALA A 115 -5.78 -25.70 -14.26
CA ALA A 115 -5.23 -24.38 -14.59
C ALA A 115 -4.06 -24.05 -13.67
N LEU A 116 -4.18 -24.39 -12.38
CA LEU A 116 -3.12 -24.13 -11.43
C LEU A 116 -1.87 -24.89 -11.79
N GLU A 117 -2.04 -26.15 -12.18
CA GLU A 117 -0.91 -26.92 -12.65
C GLU A 117 -0.27 -26.34 -13.90
N GLN A 118 -1.08 -25.85 -14.83
CA GLN A 118 -0.55 -25.24 -16.06
C GLN A 118 0.19 -23.95 -15.68
N LEU A 119 -0.40 -23.18 -14.78
CA LEU A 119 0.31 -22.00 -14.27
C LEU A 119 1.61 -22.34 -13.62
N ASP A 120 1.67 -23.41 -12.87
CA ASP A 120 2.86 -23.81 -12.19
C ASP A 120 3.95 -24.15 -13.18
N LYS A 121 3.55 -24.76 -14.29
CA LYS A 121 4.53 -25.03 -15.36
C LYS A 121 5.12 -23.77 -15.98
N MET A 122 4.34 -22.69 -15.96
CA MET A 122 4.71 -21.43 -16.60
C MET A 122 5.41 -20.47 -15.64
N ALA A 123 5.28 -20.72 -14.36
CA ALA A 123 5.80 -19.81 -13.35
C ALA A 123 7.29 -19.81 -13.33
N ASN A 124 7.86 -18.70 -12.90
CA ASN A 124 9.28 -18.68 -12.65
C ASN A 124 9.60 -19.37 -11.34
N ARG A 125 10.28 -20.50 -11.43
CA ARG A 125 10.54 -21.32 -10.27
C ARG A 125 11.42 -20.63 -9.24
N ASP A 126 12.48 -19.98 -9.69
CA ASP A 126 13.34 -19.29 -8.77
C ASP A 126 12.52 -18.29 -7.97
N ALA A 127 11.59 -17.61 -8.61
CA ALA A 127 10.84 -16.56 -7.90
C ALA A 127 9.97 -17.13 -6.82
N ILE A 128 9.13 -18.09 -7.17
CA ILE A 128 8.21 -18.62 -6.19
C ILE A 128 8.94 -19.37 -5.05
N ASN A 129 10.00 -20.08 -5.40
CA ASN A 129 10.81 -20.75 -4.39
C ASN A 129 11.45 -19.75 -3.47
N HIS A 130 11.93 -18.65 -4.05
CA HIS A 130 12.60 -17.65 -3.25
C HIS A 130 11.62 -16.98 -2.29
N TYR A 131 10.41 -16.71 -2.75
CA TYR A 131 9.42 -16.19 -1.84
C TYR A 131 9.14 -17.14 -0.71
N ARG A 132 9.01 -18.41 -1.00
CA ARG A 132 8.87 -19.38 0.08
C ARG A 132 10.04 -19.31 1.05
N GLU A 133 11.25 -19.20 0.53
CA GLU A 133 12.41 -19.11 1.38
C GLU A 133 12.33 -17.89 2.28
N MET A 134 12.03 -16.74 1.69
CA MET A 134 12.06 -15.52 2.48
C MET A 134 10.97 -15.57 3.52
N PHE A 135 9.78 -15.95 3.12
CA PHE A 135 8.63 -15.93 4.02
C PHE A 135 8.69 -17.03 5.06
N SER A 136 9.36 -18.14 4.73
CA SER A 136 9.61 -19.17 5.74
C SER A 136 10.54 -18.65 6.83
N ASP A 137 11.53 -17.86 6.42
CA ASP A 137 12.46 -17.31 7.37
C ASP A 137 11.75 -16.30 8.23
N LEU A 138 10.90 -15.53 7.59
CA LEU A 138 10.14 -14.55 8.31
C LEU A 138 9.35 -15.23 9.41
N ARG A 139 8.68 -16.30 9.08
CA ARG A 139 7.82 -17.02 10.05
C ARG A 139 8.64 -17.62 11.16
N SER A 140 9.87 -18.03 10.82
CA SER A 140 10.75 -18.66 11.82
C SER A 140 11.13 -17.69 12.94
N ARG A 141 10.96 -16.38 12.72
CA ARG A 141 11.22 -15.38 13.77
C ARG A 141 10.03 -15.08 14.73
N GLY A 142 8.93 -15.81 14.61
CA GLY A 142 7.73 -15.47 15.35
C GLY A 142 6.99 -14.30 14.72
N ILE A 143 7.15 -14.12 13.41
CA ILE A 143 6.48 -13.04 12.72
C ILE A 143 5.36 -13.59 11.87
N THR A 144 4.16 -13.12 12.15
CA THR A 144 2.93 -13.45 11.42
C THR A 144 3.01 -12.77 10.08
N PHE A 145 2.58 -13.47 9.06
CA PHE A 145 2.74 -13.01 7.70
C PHE A 145 1.43 -12.68 7.03
N ILE A 146 1.26 -11.43 6.62
CA ILE A 146 0.17 -10.98 5.80
C ILE A 146 0.72 -10.79 4.39
N LEU A 147 0.26 -11.62 3.46
CA LEU A 147 0.71 -11.60 2.12
C LEU A 147 -0.17 -10.69 1.30
N ASN A 148 0.46 -9.73 0.66
CA ASN A 148 -0.24 -8.82 -0.22
C ASN A 148 0.12 -9.14 -1.66
N LEU A 149 -0.90 -9.44 -2.44
CA LEU A 149 -0.69 -9.98 -3.77
C LEU A 149 -0.21 -8.96 -4.80
N TYR A 150 -0.61 -7.71 -4.66
CA TYR A 150 -0.35 -6.73 -5.69
C TYR A 150 0.01 -5.39 -5.06
N HIS A 151 1.09 -4.80 -5.55
CA HIS A 151 1.54 -3.56 -4.97
C HIS A 151 2.10 -2.67 -6.08
N TRP A 152 1.39 -2.70 -7.21
CA TRP A 152 1.42 -1.72 -8.31
C TRP A 152 2.05 -2.21 -9.60
N PRO A 153 3.30 -2.66 -9.57
CA PRO A 153 3.84 -3.16 -10.83
C PRO A 153 3.07 -4.34 -11.37
N LEU A 154 2.90 -4.29 -12.67
CA LEU A 154 2.29 -5.36 -13.47
C LEU A 154 3.38 -5.95 -14.33
N PRO A 155 3.26 -7.23 -14.65
CA PRO A 155 4.11 -7.77 -15.68
C PRO A 155 4.00 -6.96 -16.94
N LEU A 156 5.12 -6.77 -17.63
CA LEU A 156 5.12 -5.97 -18.83
C LEU A 156 4.22 -6.53 -19.91
N TRP A 157 4.02 -7.84 -19.94
CA TRP A 157 3.11 -8.42 -20.93
C TRP A 157 1.67 -8.00 -20.73
N LEU A 158 1.34 -7.49 -19.54
CA LEU A 158 0.04 -6.96 -19.27
C LEU A 158 -0.06 -5.46 -19.46
N HIS A 159 1.08 -4.76 -19.47
CA HIS A 159 1.03 -3.28 -19.52
C HIS A 159 2.33 -2.74 -20.04
N ASP A 160 2.25 -2.12 -21.20
CA ASP A 160 3.35 -1.36 -21.76
C ASP A 160 3.06 0.11 -21.47
N PRO A 161 3.60 0.59 -20.35
CA PRO A 161 3.12 1.89 -19.88
C PRO A 161 3.61 3.04 -20.73
N ILE A 162 4.71 2.80 -21.45
CA ILE A 162 5.24 3.83 -22.34
C ILE A 162 4.32 3.92 -23.55
N ALA A 163 3.91 2.78 -24.11
CA ALA A 163 2.98 2.82 -25.22
C ALA A 163 1.69 3.51 -24.81
N ILE A 164 1.21 3.22 -23.60
CA ILE A 164 -0.02 3.87 -23.18
C ILE A 164 0.18 5.34 -22.94
N ARG A 165 1.30 5.72 -22.32
CA ARG A 165 1.61 7.14 -22.14
C ARG A 165 1.55 7.89 -23.48
N ARG A 166 2.04 7.23 -24.52
CA ARG A 166 2.06 7.76 -25.87
C ARG A 166 0.70 7.74 -26.55
N GLY A 167 -0.29 7.18 -25.88
CA GLY A 167 -1.64 7.12 -26.39
C GLY A 167 -1.93 5.99 -27.31
N ASN A 168 -1.06 4.98 -27.33
CA ASN A 168 -1.33 3.77 -28.11
C ASN A 168 -2.12 2.83 -27.24
N LEU A 169 -3.42 3.02 -27.19
CA LEU A 169 -4.26 2.30 -26.25
C LEU A 169 -4.55 0.87 -26.71
N SER A 170 -4.05 0.50 -27.88
CA SER A 170 -4.09 -0.91 -28.34
C SER A 170 -2.94 -1.75 -27.79
N ALA A 171 -1.96 -1.11 -27.17
CA ALA A 171 -0.87 -1.81 -26.50
C ALA A 171 -1.40 -2.42 -25.24
N PRO A 172 -0.67 -3.37 -24.66
CA PRO A 172 -1.16 -3.90 -23.38
C PRO A 172 -1.40 -2.78 -22.39
N SER A 173 -2.61 -2.75 -21.85
CA SER A 173 -3.11 -1.56 -21.21
C SER A 173 -3.40 -1.69 -19.70
N GLY A 174 -2.87 -2.74 -19.09
CA GLY A 174 -2.94 -2.85 -17.64
C GLY A 174 -4.35 -2.86 -17.15
N TRP A 175 -4.64 -2.03 -16.18
CA TRP A 175 -5.97 -2.04 -15.60
C TRP A 175 -7.05 -1.42 -16.49
N LEU A 176 -6.70 -1.02 -17.71
CA LEU A 176 -7.72 -0.65 -18.67
C LEU A 176 -8.29 -1.84 -19.42
N ASP A 177 -7.75 -3.02 -19.16
CA ASP A 177 -8.15 -4.22 -19.90
C ASP A 177 -8.76 -5.21 -18.92
N VAL A 178 -9.99 -5.62 -19.17
CA VAL A 178 -10.59 -6.70 -18.36
C VAL A 178 -9.75 -7.96 -18.33
N ARG A 179 -8.93 -8.19 -19.35
CA ARG A 179 -8.06 -9.35 -19.34
C ARG A 179 -7.19 -9.35 -18.10
N THR A 180 -6.78 -8.18 -17.65
CA THR A 180 -5.89 -8.07 -16.51
C THR A 180 -6.58 -8.54 -15.23
N VAL A 181 -7.89 -8.32 -15.14
CA VAL A 181 -8.67 -8.83 -14.04
C VAL A 181 -8.60 -10.33 -13.99
N ILE A 182 -8.81 -10.94 -15.14
CA ILE A 182 -8.82 -12.39 -15.21
C ILE A 182 -7.44 -12.94 -14.91
N GLU A 183 -6.39 -12.32 -15.46
CA GLU A 183 -5.06 -12.83 -15.20
C GLU A 183 -4.68 -12.65 -13.73
N PHE A 184 -5.21 -11.61 -13.13
CA PHE A 184 -4.94 -11.37 -11.73
C PHE A 184 -5.59 -12.42 -10.84
N ALA A 185 -6.78 -12.86 -11.21
CA ALA A 185 -7.47 -13.90 -10.47
C ALA A 185 -6.64 -15.18 -10.56
N LYS A 186 -6.12 -15.46 -11.75
CA LYS A 186 -5.26 -16.61 -11.95
C LYS A 186 -4.03 -16.53 -11.07
N PHE A 187 -3.38 -15.36 -11.09
CA PHE A 187 -2.20 -15.14 -10.32
C PHE A 187 -2.47 -15.31 -8.81
N SER A 188 -3.55 -14.73 -8.35
CA SER A 188 -3.91 -14.76 -6.94
C SER A 188 -4.19 -16.18 -6.48
N ALA A 189 -4.91 -16.94 -7.30
CA ALA A 189 -5.16 -18.32 -6.97
C ALA A 189 -3.85 -19.08 -6.87
N TYR A 190 -2.98 -18.83 -7.83
CA TYR A 190 -1.73 -19.53 -7.91
C TYR A 190 -0.88 -19.27 -6.68
N VAL A 191 -0.78 -18.01 -6.28
CA VAL A 191 0.05 -17.69 -5.16
C VAL A 191 -0.49 -18.30 -3.87
N ALA A 192 -1.79 -18.21 -3.68
CA ALA A 192 -2.42 -18.85 -2.50
C ALA A 192 -2.19 -20.35 -2.51
N TRP A 193 -2.36 -20.96 -3.67
CA TRP A 193 -2.14 -22.39 -3.82
C TRP A 193 -0.72 -22.76 -3.44
N LYS A 194 0.24 -21.96 -3.87
CA LYS A 194 1.61 -22.26 -3.56
C LYS A 194 2.05 -21.95 -2.15
N LEU A 195 1.60 -20.81 -1.61
CA LEU A 195 2.20 -20.28 -0.38
C LEU A 195 1.30 -20.27 0.84
N ASP A 196 0.07 -20.77 0.75
CA ASP A 196 -0.89 -20.57 1.80
C ASP A 196 -0.39 -20.99 3.20
N ASP A 197 0.41 -22.04 3.24
CA ASP A 197 0.87 -22.55 4.53
C ASP A 197 1.68 -21.54 5.31
N LEU A 198 2.18 -20.52 4.61
CA LEU A 198 2.98 -19.47 5.25
C LEU A 198 2.17 -18.27 5.64
N VAL A 199 0.92 -18.22 5.21
CA VAL A 199 0.16 -16.98 5.24
C VAL A 199 -0.86 -16.99 6.35
N TYR A 200 -0.93 -15.91 7.10
CA TYR A 200 -1.99 -15.72 8.07
C TYR A 200 -3.22 -15.05 7.48
N MET A 201 -3.00 -13.96 6.76
CA MET A 201 -4.06 -13.20 6.12
C MET A 201 -3.56 -12.78 4.76
N TYR A 202 -4.48 -12.63 3.83
CA TYR A 202 -4.17 -12.13 2.51
C TYR A 202 -4.74 -10.77 2.33
N SER A 203 -4.00 -9.97 1.57
CA SER A 203 -4.52 -8.78 0.94
C SER A 203 -4.39 -8.96 -0.55
N THR A 204 -5.43 -8.61 -1.27
CA THR A 204 -5.39 -8.71 -2.72
C THR A 204 -4.47 -7.66 -3.32
N MET A 205 -4.53 -6.46 -2.78
CA MET A 205 -3.85 -5.34 -3.41
C MET A 205 -3.62 -4.23 -2.40
N ASN A 206 -2.67 -3.37 -2.76
CA ASN A 206 -2.26 -2.23 -1.97
C ASN A 206 -2.61 -0.97 -2.74
N GLU A 207 -3.40 -0.12 -2.10
CA GLU A 207 -3.68 1.22 -2.56
C GLU A 207 -4.06 1.25 -4.03
N PRO A 208 -5.07 0.51 -4.40
CA PRO A 208 -5.51 0.59 -5.78
C PRO A 208 -5.95 1.98 -6.19
N ASN A 209 -6.42 2.77 -5.23
CA ASN A 209 -6.81 4.13 -5.51
C ASN A 209 -5.65 5.00 -5.99
N VAL A 210 -4.46 4.71 -5.53
CA VAL A 210 -3.26 5.40 -6.02
C VAL A 210 -2.98 4.96 -7.44
N VAL A 211 -3.08 3.66 -7.71
CA VAL A 211 -2.91 3.15 -9.06
C VAL A 211 -3.79 3.87 -10.06
N TRP A 212 -5.08 3.93 -9.83
CA TRP A 212 -5.94 4.52 -10.83
C TRP A 212 -5.82 6.02 -10.85
N GLY A 213 -5.61 6.61 -9.68
CA GLY A 213 -5.66 8.05 -9.55
C GLY A 213 -4.36 8.67 -10.07
N LEU A 214 -3.25 8.14 -9.62
CA LEU A 214 -1.98 8.70 -10.09
C LEU A 214 -1.69 8.26 -11.50
N GLY A 215 -2.16 7.10 -11.91
CA GLY A 215 -1.92 6.61 -13.24
C GLY A 215 -2.53 7.43 -14.33
N TYR A 216 -3.72 7.97 -14.06
CA TYR A 216 -4.54 8.54 -15.12
C TYR A 216 -5.10 9.91 -14.84
N ALA A 217 -4.89 10.43 -13.65
CA ALA A 217 -5.44 11.72 -13.28
C ALA A 217 -4.33 12.64 -12.77
N ALA A 218 -3.64 12.25 -11.71
CA ALA A 218 -2.61 13.07 -11.13
C ALA A 218 -1.28 12.76 -11.81
N VAL A 219 -1.22 13.03 -13.11
CA VAL A 219 -0.12 12.58 -13.92
C VAL A 219 1.21 13.26 -13.63
N LYS A 220 1.21 14.41 -12.98
CA LYS A 220 2.49 14.99 -12.57
C LYS A 220 3.19 14.15 -11.51
N SER A 221 2.48 13.23 -10.89
CA SER A 221 3.08 12.33 -9.93
C SER A 221 4.08 11.37 -10.52
N GLY A 222 4.06 11.23 -11.84
CA GLY A 222 5.05 10.37 -12.50
C GLY A 222 4.79 8.90 -12.32
N PHE A 223 3.54 8.51 -12.18
CA PHE A 223 3.20 7.09 -12.09
C PHE A 223 2.75 6.60 -13.46
N PRO A 224 2.97 5.34 -13.74
CA PRO A 224 2.57 4.78 -15.02
C PRO A 224 1.07 4.56 -15.09
N PRO A 225 0.48 4.66 -16.27
CA PRO A 225 1.13 4.99 -17.52
C PRO A 225 1.14 6.49 -17.76
N GLY A 226 0.71 7.25 -16.78
CA GLY A 226 0.78 8.68 -16.91
C GLY A 226 0.04 9.20 -18.09
N TYR A 227 -1.14 8.64 -18.32
CA TYR A 227 -1.96 8.94 -19.48
C TYR A 227 -3.16 9.68 -18.93
N LEU A 228 -3.20 10.98 -19.15
CA LEU A 228 -4.18 11.82 -18.52
C LEU A 228 -5.51 11.58 -19.18
N CYS A 229 -6.39 10.92 -18.44
CA CYS A 229 -7.60 10.38 -19.00
C CYS A 229 -8.55 10.00 -17.87
N LEU A 230 -9.53 10.86 -17.64
CA LEU A 230 -10.43 10.65 -16.54
C LEU A 230 -11.25 9.40 -16.75
N GLU A 231 -11.71 9.15 -17.97
CA GLU A 231 -12.47 7.95 -18.23
C GLU A 231 -11.59 6.76 -17.93
N CYS A 232 -10.32 6.85 -18.28
CA CYS A 232 -9.42 5.73 -18.04
C CYS A 232 -9.27 5.49 -16.55
N ALA A 233 -9.18 6.56 -15.77
CA ALA A 233 -9.07 6.43 -14.33
C ALA A 233 -10.25 5.62 -13.79
N GLY A 234 -11.43 5.94 -14.27
CA GLY A 234 -12.64 5.24 -13.83
C GLY A 234 -12.65 3.78 -14.29
N ARG A 235 -12.16 3.53 -15.49
CA ARG A 235 -12.13 2.20 -16.01
C ARG A 235 -11.16 1.37 -15.19
N ALA A 236 -9.99 1.96 -14.90
CA ALA A 236 -8.99 1.27 -14.08
C ALA A 236 -9.54 1.03 -12.68
N MET A 237 -10.25 2.01 -12.14
CA MET A 237 -10.86 1.85 -10.81
C MET A 237 -11.80 0.67 -10.81
N LYS A 238 -12.66 0.60 -11.83
CA LYS A 238 -13.62 -0.49 -11.89
C LYS A 238 -12.92 -1.80 -12.03
N ASN A 239 -11.88 -1.86 -12.85
CA ASN A 239 -11.17 -3.11 -13.03
C ASN A 239 -10.41 -3.51 -11.78
N LEU A 240 -9.94 -2.54 -11.00
CA LEU A 240 -9.33 -2.89 -9.74
C LEU A 240 -10.36 -3.41 -8.73
N VAL A 241 -11.55 -2.84 -8.70
CA VAL A 241 -12.65 -3.39 -7.92
C VAL A 241 -12.89 -4.84 -8.31
N GLN A 242 -13.02 -5.05 -9.62
CA GLN A 242 -13.34 -6.38 -10.12
C GLN A 242 -12.23 -7.34 -9.84
N ALA A 243 -10.99 -6.89 -10.03
CA ALA A 243 -9.82 -7.69 -9.71
C ALA A 243 -9.81 -8.11 -8.25
N HIS A 244 -10.16 -7.16 -7.38
CA HIS A 244 -10.21 -7.50 -6.00
C HIS A 244 -11.23 -8.60 -5.75
N ALA A 245 -12.43 -8.42 -6.28
CA ALA A 245 -13.50 -9.38 -6.05
C ALA A 245 -13.17 -10.74 -6.65
N ARG A 246 -12.58 -10.79 -7.82
CA ARG A 246 -12.28 -12.04 -8.46
C ARG A 246 -11.09 -12.71 -7.79
N ALA A 247 -10.13 -11.93 -7.31
CA ALA A 247 -9.04 -12.51 -6.55
C ALA A 247 -9.55 -13.04 -5.21
N TYR A 248 -10.46 -12.31 -4.59
CA TYR A 248 -11.05 -12.77 -3.32
C TYR A 248 -11.66 -14.14 -3.52
N ASP A 249 -12.47 -14.25 -4.55
CA ASP A 249 -13.12 -15.53 -4.81
C ASP A 249 -12.11 -16.63 -5.11
N ALA A 250 -11.11 -16.31 -5.92
CA ALA A 250 -10.11 -17.31 -6.35
C ALA A 250 -9.30 -17.76 -5.16
N VAL A 251 -8.92 -16.85 -4.29
CA VAL A 251 -8.17 -17.19 -3.10
C VAL A 251 -9.05 -18.02 -2.16
N LYS A 252 -10.32 -17.64 -2.01
CA LYS A 252 -11.22 -18.38 -1.13
C LYS A 252 -11.49 -19.77 -1.63
N ALA A 253 -11.34 -19.99 -2.91
CA ALA A 253 -11.51 -21.36 -3.46
C ALA A 253 -10.38 -22.28 -3.02
N ILE A 254 -9.31 -21.69 -2.52
CA ILE A 254 -8.10 -22.41 -2.11
C ILE A 254 -7.95 -22.43 -0.59
N THR A 255 -8.33 -21.35 0.06
CA THR A 255 -8.09 -21.16 1.47
C THR A 255 -9.23 -20.36 2.08
N LYS A 256 -9.56 -20.65 3.33
CA LYS A 256 -10.58 -19.90 4.00
C LYS A 256 -10.02 -18.79 4.88
N LYS A 257 -8.73 -18.56 4.77
CA LYS A 257 -8.09 -17.49 5.55
C LYS A 257 -8.64 -16.12 5.15
N PRO A 258 -8.49 -15.12 6.03
CA PRO A 258 -9.08 -13.83 5.74
C PRO A 258 -8.44 -13.18 4.52
N VAL A 259 -9.29 -12.65 3.66
CA VAL A 259 -8.85 -11.94 2.48
C VAL A 259 -9.43 -10.56 2.52
N GLY A 260 -8.51 -9.58 2.48
CA GLY A 260 -8.82 -8.20 2.62
C GLY A 260 -8.17 -7.39 1.52
N VAL A 261 -8.09 -6.10 1.75
CA VAL A 261 -7.52 -5.18 0.78
C VAL A 261 -6.88 -4.08 1.59
N ILE A 262 -5.90 -3.42 0.99
CA ILE A 262 -5.14 -2.39 1.63
C ILE A 262 -5.33 -1.14 0.77
N TYR A 263 -5.63 -0.02 1.42
CA TYR A 263 -6.09 1.14 0.70
C TYR A 263 -5.45 2.39 1.23
N ALA A 264 -5.21 3.36 0.34
CA ALA A 264 -4.62 4.62 0.75
C ALA A 264 -5.67 5.53 1.31
N ASN A 265 -5.51 5.93 2.55
CA ASN A 265 -6.48 6.77 3.21
C ASN A 265 -5.97 8.09 3.64
N SER A 266 -6.86 9.04 3.63
CA SER A 266 -6.65 10.31 4.29
C SER A 266 -7.85 10.54 5.16
N ASP A 267 -7.66 11.30 6.23
CA ASP A 267 -8.79 11.86 6.97
C ASP A 267 -9.16 13.11 6.20
N PHE A 268 -10.40 13.19 5.78
CA PHE A 268 -10.89 14.35 5.04
C PHE A 268 -11.53 15.30 6.02
N THR A 269 -10.82 16.37 6.34
CA THR A 269 -11.26 17.26 7.38
C THR A 269 -11.76 18.52 6.73
N PRO A 270 -12.92 19.02 7.18
CA PRO A 270 -13.48 20.21 6.59
C PRO A 270 -12.70 21.43 7.05
N LEU A 271 -12.42 22.34 6.13
CA LEU A 271 -11.67 23.53 6.48
C LEU A 271 -12.43 24.36 7.50
N THR A 272 -13.73 24.52 7.28
CA THR A 272 -14.62 25.13 8.25
C THR A 272 -15.83 24.23 8.48
N ASP A 273 -16.65 24.57 9.47
CA ASP A 273 -17.87 23.81 9.71
C ASP A 273 -18.75 23.74 8.46
N ALA A 274 -18.70 24.79 7.65
CA ALA A 274 -19.53 24.88 6.45
C ALA A 274 -19.08 23.88 5.38
N ASP A 275 -17.90 23.29 5.57
CA ASP A 275 -17.34 22.36 4.60
C ASP A 275 -17.57 20.91 4.98
N ARG A 276 -18.36 20.67 6.03
CA ARG A 276 -18.57 19.32 6.51
C ARG A 276 -19.18 18.42 5.42
N GLU A 277 -20.17 18.94 4.71
CA GLU A 277 -20.81 18.21 3.63
C GLU A 277 -19.80 17.88 2.52
N ALA A 278 -18.98 18.87 2.17
CA ALA A 278 -17.92 18.71 1.18
C ALA A 278 -16.93 17.61 1.61
N ALA A 279 -16.57 17.63 2.88
CA ALA A 279 -15.67 16.57 3.40
C ALA A 279 -16.29 15.21 3.26
N GLU A 280 -17.61 15.11 3.49
CA GLU A 280 -18.28 13.83 3.33
C GLU A 280 -18.30 13.39 1.88
N ARG A 281 -18.52 14.32 0.96
CA ARG A 281 -18.44 14.01 -0.47
C ARG A 281 -17.07 13.52 -0.88
N ALA A 282 -16.03 14.12 -0.32
CA ALA A 282 -14.67 13.69 -0.57
C ALA A 282 -14.44 12.29 -0.06
N LYS A 283 -14.96 11.97 1.12
CA LYS A 283 -14.79 10.65 1.67
C LYS A 283 -15.48 9.64 0.77
N PHE A 284 -16.68 9.98 0.31
CA PHE A 284 -17.36 9.03 -0.54
C PHE A 284 -16.58 8.78 -1.81
N ASP A 285 -16.20 9.87 -2.47
CA ASP A 285 -15.58 9.74 -3.76
C ASP A 285 -14.28 8.99 -3.68
N ASN A 286 -13.53 9.21 -2.60
CA ASN A 286 -12.19 8.74 -2.49
C ASN A 286 -12.01 7.49 -1.69
N ARG A 287 -13.06 7.07 -0.98
CA ARG A 287 -12.95 5.94 -0.11
C ARG A 287 -14.18 5.03 -0.18
N TRP A 288 -15.34 5.55 0.13
CA TRP A 288 -16.53 4.67 0.17
C TRP A 288 -16.91 4.11 -1.19
N ALA A 289 -16.63 4.81 -2.27
CA ALA A 289 -16.99 4.27 -3.56
C ALA A 289 -16.34 2.88 -3.72
N PHE A 290 -15.05 2.75 -3.42
CA PHE A 290 -14.40 1.48 -3.57
C PHE A 290 -14.93 0.43 -2.59
N PHE A 291 -15.02 0.83 -1.33
CA PHE A 291 -15.43 -0.12 -0.31
C PHE A 291 -16.88 -0.51 -0.41
N ASP A 292 -17.75 0.43 -0.77
CA ASP A 292 -19.14 0.03 -0.95
C ASP A 292 -19.25 -0.95 -2.11
N ALA A 293 -18.35 -0.89 -3.06
CA ALA A 293 -18.35 -1.84 -4.14
C ALA A 293 -17.97 -3.23 -3.65
N VAL A 294 -16.89 -3.34 -2.91
CA VAL A 294 -16.37 -4.68 -2.58
C VAL A 294 -16.99 -5.24 -1.33
N VAL A 295 -17.62 -4.39 -0.54
CA VAL A 295 -18.36 -4.85 0.64
C VAL A 295 -19.83 -5.02 0.32
N ARG A 296 -20.45 -3.98 -0.25
CA ARG A 296 -21.89 -3.97 -0.44
C ARG A 296 -22.30 -4.30 -1.86
N GLY A 297 -21.34 -4.44 -2.76
CA GLY A 297 -21.66 -4.76 -4.15
C GLY A 297 -22.17 -3.58 -4.95
N GLN A 298 -22.05 -2.39 -4.40
CA GLN A 298 -22.60 -1.17 -5.02
C GLN A 298 -21.56 -0.53 -5.87
N LEU A 299 -21.80 -0.44 -7.17
CA LEU A 299 -20.85 0.18 -8.06
C LEU A 299 -21.59 0.88 -9.16
N GLY A 300 -21.31 2.16 -9.32
CA GLY A 300 -21.83 2.93 -10.43
C GLY A 300 -23.35 3.07 -10.42
N GLY A 301 -23.99 2.92 -9.26
CA GLY A 301 -25.43 3.06 -9.14
C GLY A 301 -26.18 1.76 -9.21
N SER A 302 -25.48 0.64 -9.41
CA SER A 302 -26.11 -0.66 -9.46
C SER A 302 -25.44 -1.57 -8.47
N THR A 303 -26.14 -2.63 -8.11
CA THR A 303 -25.62 -3.57 -7.16
C THR A 303 -25.31 -4.86 -7.88
N ARG A 304 -24.13 -5.37 -7.62
CA ARG A 304 -23.67 -6.62 -8.17
C ARG A 304 -23.47 -7.64 -7.09
N ASP A 305 -24.20 -8.74 -7.21
CA ASP A 305 -24.05 -9.83 -6.25
C ASP A 305 -22.69 -10.46 -6.30
N ASP A 306 -21.99 -10.32 -7.42
CA ASP A 306 -20.65 -10.89 -7.54
C ASP A 306 -19.57 -10.02 -6.89
N LEU A 307 -19.94 -8.83 -6.50
CA LEU A 307 -19.03 -7.93 -5.75
C LEU A 307 -19.30 -7.91 -4.26
N LYS A 308 -20.54 -8.14 -3.88
CA LYS A 308 -20.95 -8.05 -2.49
C LYS A 308 -20.23 -9.05 -1.62
N GLY A 309 -19.80 -8.59 -0.45
CA GLY A 309 -19.28 -9.47 0.56
C GLY A 309 -17.90 -10.00 0.28
N ARG A 310 -17.17 -9.31 -0.58
CA ARG A 310 -15.85 -9.77 -0.96
C ARG A 310 -14.77 -9.08 -0.14
N LEU A 311 -14.96 -9.03 1.16
CA LEU A 311 -13.95 -8.44 2.01
C LEU A 311 -14.05 -8.93 3.43
N ASP A 312 -12.93 -9.43 3.98
CA ASP A 312 -12.92 -9.96 5.33
C ASP A 312 -12.28 -9.00 6.30
N TRP A 313 -11.43 -8.10 5.81
CA TRP A 313 -10.73 -7.15 6.66
C TRP A 313 -10.25 -6.01 5.80
N ILE A 314 -9.88 -4.92 6.46
CA ILE A 314 -9.52 -3.70 5.78
C ILE A 314 -8.18 -3.28 6.31
N GLY A 315 -7.27 -3.08 5.37
CA GLY A 315 -5.93 -2.57 5.65
C GLY A 315 -5.98 -1.08 5.45
N VAL A 316 -5.78 -0.36 6.55
CA VAL A 316 -5.79 1.08 6.55
C VAL A 316 -4.36 1.59 6.40
N ASN A 317 -4.08 2.26 5.30
CA ASN A 317 -2.84 2.97 5.16
CA ASN A 317 -2.83 3.00 5.12
C ASN A 317 -3.26 4.37 5.54
C ASN A 317 -2.98 4.49 5.28
N TYR A 318 -2.39 5.04 6.27
N TYR A 318 -2.43 5.02 6.35
CA TYR A 318 -2.68 6.39 6.70
C TYR A 318 -1.38 7.11 6.91
N TYR A 319 -1.27 8.26 6.28
CA TYR A 319 -0.13 9.15 6.49
C TYR A 319 -0.50 10.52 6.96
N THR A 320 -1.54 11.11 6.40
CA THR A 320 -1.94 12.43 6.77
C THR A 320 -3.36 12.68 6.33
N ARG A 321 -3.82 13.91 6.48
CA ARG A 321 -5.17 14.26 6.13
C ARG A 321 -5.22 14.92 4.77
N GLN A 322 -6.43 15.23 4.34
CA GLN A 322 -6.68 16.18 3.25
C GLN A 322 -7.70 17.14 3.77
N VAL A 323 -7.44 18.43 3.67
CA VAL A 323 -8.40 19.42 4.14
C VAL A 323 -9.26 19.78 2.97
N VAL A 324 -10.56 19.79 3.19
CA VAL A 324 -11.52 19.93 2.13
C VAL A 324 -12.35 21.20 2.30
N ARG A 325 -12.57 21.90 1.20
CA ARG A 325 -13.41 23.09 1.18
C ARG A 325 -14.49 22.84 0.16
N ALA A 326 -15.71 23.23 0.48
CA ALA A 326 -16.77 23.22 -0.51
C ALA A 326 -16.41 24.14 -1.66
N ARG A 327 -16.76 23.72 -2.87
CA ARG A 327 -16.63 24.54 -4.05
C ARG A 327 -17.91 24.30 -4.82
N GLY A 328 -18.86 25.21 -4.68
CA GLY A 328 -20.19 24.97 -5.21
C GLY A 328 -20.74 23.72 -4.52
N SER A 329 -21.28 22.78 -5.30
CA SER A 329 -21.71 21.49 -4.75
C SER A 329 -20.61 20.46 -4.85
N GLY A 330 -19.44 20.89 -5.32
CA GLY A 330 -18.27 20.04 -5.32
C GLY A 330 -17.38 20.41 -4.15
N TYR A 331 -16.13 20.03 -4.28
CA TYR A 331 -15.18 20.28 -3.20
C TYR A 331 -13.81 20.38 -3.80
N GLU A 332 -12.88 20.90 -3.01
CA GLU A 332 -11.52 21.02 -3.43
C GLU A 332 -10.66 20.77 -2.20
N ILE A 333 -9.46 20.29 -2.48
CA ILE A 333 -8.47 20.03 -1.48
C ILE A 333 -7.72 21.32 -1.28
N VAL A 334 -7.60 21.74 -0.03
CA VAL A 334 -7.01 23.00 0.33
C VAL A 334 -5.49 22.81 0.35
N PRO A 335 -4.75 23.60 -0.46
CA PRO A 335 -3.30 23.47 -0.39
C PRO A 335 -2.75 23.98 0.94
N GLY A 336 -1.59 23.46 1.29
CA GLY A 336 -0.87 23.88 2.49
C GLY A 336 -1.15 23.03 3.69
N TYR A 337 -2.09 22.10 3.57
CA TYR A 337 -2.41 21.14 4.62
C TYR A 337 -2.28 19.73 4.06
N GLY A 338 -2.21 18.75 4.96
CA GLY A 338 -2.38 17.37 4.53
C GLY A 338 -1.25 16.90 3.64
N HIS A 339 -1.59 16.39 2.46
CA HIS A 339 -0.58 15.95 1.51
C HIS A 339 0.02 17.07 0.70
N GLY A 340 -0.58 18.24 0.76
CA GLY A 340 -0.23 19.35 -0.11
C GLY A 340 0.58 20.42 0.56
N CYS A 341 1.47 20.03 1.46
CA CYS A 341 2.27 20.99 2.23
C CYS A 341 3.61 21.10 1.60
N GLU A 342 4.28 22.19 1.98
CA GLU A 342 5.64 22.39 1.61
C GLU A 342 6.48 21.27 2.24
N PRO A 343 7.33 20.60 1.46
CA PRO A 343 8.27 19.67 2.10
C PRO A 343 9.05 20.36 3.20
N ASN A 344 9.06 19.76 4.38
CA ASN A 344 9.72 20.37 5.54
C ASN A 344 9.25 21.79 5.78
N GLY A 345 7.95 21.94 5.66
CA GLY A 345 7.28 23.17 6.03
C GLY A 345 6.41 22.94 7.24
N VAL A 346 5.47 23.87 7.40
CA VAL A 346 4.57 23.86 8.53
C VAL A 346 3.24 24.29 7.99
N SER A 347 2.19 23.57 8.37
CA SER A 347 0.89 23.90 7.88
C SER A 347 0.31 25.10 8.62
N PRO A 348 -0.81 25.60 8.11
CA PRO A 348 -1.43 26.71 8.84
C PRO A 348 -1.96 26.34 10.21
N ALA A 349 -2.12 25.04 10.49
CA ALA A 349 -2.47 24.55 11.79
C ALA A 349 -1.30 24.44 12.74
N GLY A 350 -0.10 24.81 12.29
CA GLY A 350 1.08 24.71 13.12
C GLY A 350 1.68 23.32 13.17
N ARG A 351 1.34 22.49 12.20
CA ARG A 351 1.80 21.11 12.21
C ARG A 351 2.95 21.01 11.25
N PRO A 352 4.04 20.41 11.71
CA PRO A 352 5.17 20.28 10.83
C PRO A 352 4.88 19.25 9.74
N CYS A 353 5.58 19.44 8.64
CA CYS A 353 5.37 18.63 7.45
C CYS A 353 6.62 17.86 7.17
N SER A 354 6.41 16.65 6.66
CA SER A 354 7.52 15.74 6.43
C SER A 354 8.36 16.13 5.23
N ASP A 355 9.36 15.29 4.96
CA ASP A 355 10.21 15.50 3.79
C ASP A 355 9.40 15.38 2.50
N PHE A 356 8.23 14.75 2.58
CA PHE A 356 7.29 14.65 1.45
C PHE A 356 6.27 15.77 1.41
N GLY A 357 6.29 16.69 2.36
CA GLY A 357 5.25 17.70 2.45
C GLY A 357 3.95 17.23 3.02
N TRP A 358 4.02 16.22 3.89
CA TRP A 358 2.82 15.67 4.51
C TRP A 358 2.73 16.11 5.94
N GLU A 359 1.54 16.59 6.30
CA GLU A 359 1.31 17.24 7.55
C GLU A 359 1.22 16.23 8.69
N PHE A 360 1.74 16.60 9.86
CA PHE A 360 1.64 15.80 11.03
C PHE A 360 0.20 15.86 11.54
N TYR A 361 -0.52 14.76 11.42
CA TYR A 361 -1.94 14.78 11.76
C TYR A 361 -2.37 13.42 12.27
N PRO A 362 -1.87 13.02 13.41
CA PRO A 362 -2.18 11.71 13.94
C PRO A 362 -3.65 11.51 14.25
N GLU A 363 -4.34 12.58 14.59
CA GLU A 363 -5.76 12.44 14.92
C GLU A 363 -6.52 11.83 13.76
N GLY A 364 -6.03 12.01 12.55
CA GLY A 364 -6.68 11.47 11.38
C GLY A 364 -6.77 9.98 11.41
N LEU A 365 -5.82 9.29 12.01
CA LEU A 365 -5.79 7.88 11.98
C LEU A 365 -6.96 7.34 12.82
N TYR A 366 -7.19 7.93 13.97
CA TYR A 366 -8.37 7.56 14.74
C TYR A 366 -9.60 7.74 13.88
N ASN A 367 -9.72 8.89 13.25
CA ASN A 367 -10.94 9.18 12.53
C ASN A 367 -11.17 8.19 11.42
N VAL A 368 -10.14 7.87 10.68
CA VAL A 368 -10.28 6.97 9.55
C VAL A 368 -10.66 5.57 10.08
N LEU A 369 -10.01 5.11 11.12
CA LEU A 369 -10.34 3.82 11.71
C LEU A 369 -11.79 3.80 12.18
N LYS A 370 -12.18 4.82 12.94
CA LYS A 370 -13.54 4.90 13.42
C LYS A 370 -14.55 4.90 12.29
N GLU A 371 -14.28 5.64 11.25
CA GLU A 371 -15.23 5.73 10.15
C GLU A 371 -15.39 4.44 9.43
N TYR A 372 -14.30 3.74 9.17
CA TYR A 372 -14.39 2.47 8.53
C TYR A 372 -15.15 1.50 9.41
N TRP A 373 -14.86 1.56 10.70
CA TRP A 373 -15.44 0.59 11.63
C TRP A 373 -16.93 0.85 11.67
N ASP A 374 -17.35 2.10 11.81
CA ASP A 374 -18.76 2.41 11.91
C ASP A 374 -19.51 2.02 10.63
N ARG A 375 -18.87 2.14 9.48
CA ARG A 375 -19.55 1.87 8.25
C ARG A 375 -19.67 0.40 7.99
N TYR A 376 -18.61 -0.38 8.18
CA TYR A 376 -18.62 -1.77 7.76
C TYR A 376 -18.49 -2.79 8.88
N HIS A 377 -17.94 -2.40 10.03
CA HIS A 377 -17.68 -3.33 11.10
C HIS A 377 -16.92 -4.54 10.67
N LEU A 378 -15.93 -4.32 9.81
CA LEU A 378 -14.97 -5.33 9.47
C LEU A 378 -13.68 -5.07 10.23
N PRO A 379 -12.97 -6.13 10.58
CA PRO A 379 -11.68 -5.96 11.24
C PRO A 379 -10.73 -5.08 10.43
N LEU A 380 -10.00 -4.24 11.16
CA LEU A 380 -9.09 -3.27 10.60
C LEU A 380 -7.68 -3.59 11.03
N LEU A 381 -6.76 -3.44 10.10
CA LEU A 381 -5.36 -3.55 10.38
C LEU A 381 -4.76 -2.27 9.86
N VAL A 382 -3.99 -1.55 10.67
CA VAL A 382 -3.26 -0.41 10.14
C VAL A 382 -2.08 -0.98 9.40
N THR A 383 -2.20 -0.98 8.06
CA THR A 383 -1.21 -1.64 7.25
C THR A 383 -0.07 -0.74 6.80
N GLU A 384 -0.25 0.57 6.91
CA GLU A 384 0.87 1.49 6.74
C GLU A 384 0.63 2.72 7.55
N ASN A 385 1.72 3.21 8.10
CA ASN A 385 1.78 4.48 8.75
C ASN A 385 3.26 4.77 8.93
N GLY A 386 3.69 5.95 8.49
CA GLY A 386 5.07 6.30 8.59
C GLY A 386 5.32 7.65 8.02
N ILE A 387 6.59 7.97 7.86
CA ILE A 387 6.94 9.31 7.50
C ILE A 387 8.26 9.31 6.76
N ALA A 388 8.33 10.17 5.75
CA ALA A 388 9.56 10.44 5.02
C ALA A 388 10.33 11.43 5.87
N ASP A 389 11.45 10.99 6.39
CA ASP A 389 12.14 11.76 7.42
C ASP A 389 13.56 11.23 7.52
N GLU A 390 14.42 11.89 6.75
CA GLU A 390 15.80 11.51 6.67
C GLU A 390 16.56 11.76 7.97
N GLY A 391 16.10 12.69 8.76
CA GLY A 391 16.80 13.06 9.98
C GLY A 391 16.29 12.36 11.22
N ASP A 392 15.17 11.65 11.12
CA ASP A 392 14.46 11.12 12.25
C ASP A 392 14.05 12.25 13.19
N TYR A 393 13.73 13.39 12.63
CA TYR A 393 13.32 14.54 13.44
C TYR A 393 11.90 14.40 13.96
N GLN A 394 10.99 14.06 13.05
CA GLN A 394 9.59 13.99 13.39
C GLN A 394 9.16 12.58 13.68
N ARG A 395 9.86 11.61 13.13
CA ARG A 395 9.40 10.25 13.22
C ARG A 395 9.13 9.75 14.60
N PRO A 396 9.98 10.05 15.60
CA PRO A 396 9.67 9.50 16.92
C PRO A 396 8.32 9.96 17.43
N TYR A 397 8.03 11.23 17.21
CA TYR A 397 6.73 11.77 17.59
C TYR A 397 5.63 11.19 16.71
N TYR A 398 5.91 11.05 15.44
CA TYR A 398 4.95 10.53 14.49
C TYR A 398 4.55 9.14 14.88
N LEU A 399 5.53 8.32 15.17
CA LEU A 399 5.31 6.94 15.54
C LEU A 399 4.44 6.84 16.77
N VAL A 400 4.89 7.44 17.87
CA VAL A 400 4.13 7.26 19.11
C VAL A 400 2.75 7.87 19.00
N SER A 401 2.65 9.03 18.37
CA SER A 401 1.37 9.70 18.26
C SER A 401 0.39 8.86 17.52
N HIS A 402 0.81 8.24 16.43
CA HIS A 402 -0.13 7.46 15.63
C HIS A 402 -0.48 6.18 16.33
N VAL A 403 0.48 5.52 16.98
CA VAL A 403 0.16 4.38 17.76
C VAL A 403 -0.85 4.72 18.85
N TYR A 404 -0.69 5.88 19.49
CA TYR A 404 -1.64 6.29 20.51
C TYR A 404 -3.04 6.36 19.92
N GLN A 405 -3.14 6.91 18.72
CA GLN A 405 -4.47 7.05 18.11
C GLN A 405 -5.08 5.71 17.81
N VAL A 406 -4.26 4.71 17.50
CA VAL A 406 -4.78 3.37 17.29
C VAL A 406 -5.33 2.84 18.60
N HIS A 407 -4.64 3.11 19.68
CA HIS A 407 -5.14 2.72 20.97
C HIS A 407 -6.48 3.38 21.24
N ARG A 408 -6.62 4.64 20.91
CA ARG A 408 -7.86 5.34 21.17
C ARG A 408 -8.99 4.63 20.45
N ALA A 409 -8.75 4.27 19.19
CA ALA A 409 -9.75 3.57 18.39
C ALA A 409 -10.11 2.27 19.06
N LEU A 410 -9.12 1.52 19.48
CA LEU A 410 -9.34 0.28 20.17
C LEU A 410 -10.20 0.49 21.41
N GLN A 411 -9.82 1.46 22.20
CA GLN A 411 -10.53 1.73 23.44
C GLN A 411 -11.99 2.04 23.18
N ASP A 412 -12.26 2.68 22.06
CA ASP A 412 -13.61 3.04 21.69
C ASP A 412 -14.37 1.94 20.98
N GLY A 413 -13.78 0.77 20.89
CA GLY A 413 -14.43 -0.41 20.34
C GLY A 413 -14.15 -0.77 18.93
N VAL A 414 -13.21 -0.09 18.29
CA VAL A 414 -12.84 -0.47 16.94
C VAL A 414 -12.01 -1.75 17.00
N ASN A 415 -12.34 -2.75 16.20
CA ASN A 415 -11.54 -3.94 16.12
C ASN A 415 -10.36 -3.68 15.21
N VAL A 416 -9.32 -3.11 15.78
CA VAL A 416 -8.09 -2.92 15.04
C VAL A 416 -7.12 -3.96 15.55
N ILE A 417 -6.56 -4.74 14.65
CA ILE A 417 -5.85 -5.93 15.05
C ILE A 417 -4.35 -5.76 15.09
N GLY A 418 -3.86 -4.64 14.56
CA GLY A 418 -2.45 -4.39 14.63
C GLY A 418 -2.07 -3.10 13.94
N TYR A 419 -0.77 -2.81 14.04
CA TYR A 419 -0.20 -1.60 13.51
C TYR A 419 1.07 -2.00 12.80
N LEU A 420 1.13 -1.71 11.52
CA LEU A 420 2.28 -2.01 10.70
C LEU A 420 2.85 -0.70 10.18
N HIS A 421 4.07 -0.41 10.62
CA HIS A 421 4.74 0.78 10.22
C HIS A 421 5.27 0.65 8.80
N TRP A 422 5.16 1.75 8.05
CA TRP A 422 5.80 1.86 6.76
C TRP A 422 7.02 2.73 6.97
N SER A 423 8.22 2.17 6.99
CA SER A 423 8.53 0.77 6.78
C SER A 423 9.65 0.38 7.70
N LEU A 424 9.98 -0.90 7.75
CA LEU A 424 11.15 -1.33 8.48
C LEU A 424 12.39 -0.60 8.03
N ALA A 425 12.61 -0.53 6.74
CA ALA A 425 13.80 0.11 6.18
C ALA A 425 13.41 1.02 5.04
N ASP A 426 14.27 2.00 4.76
CA ASP A 426 14.17 2.83 3.59
C ASP A 426 14.03 1.96 2.36
N ASN A 427 13.38 2.51 1.37
CA ASN A 427 13.18 1.78 0.15
C ASN A 427 12.92 2.74 -1.01
N TYR A 428 12.67 2.17 -2.18
CA TYR A 428 12.45 2.98 -3.36
C TYR A 428 11.05 3.52 -3.39
N GLU A 429 10.94 4.82 -3.25
CA GLU A 429 9.68 5.49 -3.21
C GLU A 429 9.26 5.89 -4.62
N TRP A 430 9.06 4.88 -5.45
CA TRP A 430 8.38 5.08 -6.72
C TRP A 430 9.01 6.20 -7.53
N ALA A 431 8.22 7.12 -8.01
CA ALA A 431 8.73 8.19 -8.87
C ALA A 431 9.69 9.09 -8.12
N SER A 432 9.64 9.08 -6.80
CA SER A 432 10.51 9.89 -5.96
C SER A 432 11.85 9.28 -5.74
N GLY A 433 12.00 8.01 -6.06
CA GLY A 433 13.27 7.35 -5.90
C GLY A 433 13.63 7.17 -4.44
N PHE A 434 14.91 7.14 -4.14
CA PHE A 434 15.40 6.80 -2.82
C PHE A 434 15.47 7.93 -1.81
N SER A 435 15.21 9.15 -2.24
CA SER A 435 15.44 10.23 -1.29
C SER A 435 14.34 10.37 -0.26
N LYS A 436 13.20 9.71 -0.48
CA LYS A 436 12.12 9.71 0.53
C LYS A 436 12.34 8.48 1.37
N ARG A 437 12.76 8.70 2.61
CA ARG A 437 13.26 7.66 3.47
C ARG A 437 12.27 7.47 4.60
N PHE A 438 11.54 6.34 4.57
CA PHE A 438 10.47 6.04 5.48
C PHE A 438 10.87 5.02 6.54
N GLY A 439 12.09 4.53 6.52
CA GLY A 439 12.46 3.50 7.43
C GLY A 439 12.59 3.86 8.87
N LEU A 440 12.24 2.91 9.72
CA LEU A 440 12.78 2.91 11.05
C LEU A 440 14.29 2.69 10.99
N LEU A 441 14.70 1.95 9.97
CA LEU A 441 16.09 1.70 9.67
C LEU A 441 16.45 2.48 8.44
N MET A 442 17.54 3.20 8.54
CA MET A 442 18.16 3.87 7.44
C MET A 442 18.93 2.83 6.62
N VAL A 443 18.84 2.94 5.31
CA VAL A 443 19.61 2.07 4.42
C VAL A 443 20.72 2.89 3.79
N ASP A 444 21.91 2.33 3.87
CA ASP A 444 23.04 2.86 3.12
C ASP A 444 22.97 2.12 1.79
N TYR A 445 22.60 2.86 0.75
CA TYR A 445 22.38 2.22 -0.55
C TYR A 445 23.69 1.76 -1.19
N SER A 446 24.81 2.26 -0.73
CA SER A 446 26.07 1.78 -1.26
C SER A 446 26.42 0.43 -0.65
N THR A 447 26.35 0.30 0.66
CA THR A 447 26.79 -0.91 1.35
C THR A 447 25.69 -1.90 1.58
N LYS A 448 24.46 -1.40 1.49
CA LYS A 448 23.24 -2.16 1.79
C LYS A 448 23.05 -2.46 3.26
N ARG A 449 23.87 -1.85 4.09
CA ARG A 449 23.72 -2.02 5.51
C ARG A 449 22.49 -1.26 6.00
N LEU A 450 21.90 -1.84 7.02
CA LEU A 450 20.79 -1.28 7.72
C LEU A 450 21.29 -0.64 9.01
N HIS A 451 20.72 0.51 9.29
CA HIS A 451 21.18 1.33 10.41
C HIS A 451 19.97 1.71 11.23
N TRP A 452 20.04 1.57 12.54
CA TRP A 452 18.88 1.88 13.36
C TRP A 452 18.75 3.35 13.63
N ARG A 453 17.67 3.97 13.17
CA ARG A 453 17.34 5.30 13.60
C ARG A 453 16.84 5.23 15.03
N PRO A 454 16.93 6.34 15.77
CA PRO A 454 16.39 6.28 17.14
C PRO A 454 14.94 5.85 17.20
N SER A 455 14.13 6.23 16.22
CA SER A 455 12.74 5.74 16.19
C SER A 455 12.66 4.22 16.21
N ALA A 456 13.64 3.50 15.65
CA ALA A 456 13.63 2.04 15.70
C ALA A 456 13.71 1.57 17.13
N PHE A 457 14.48 2.26 17.94
CA PHE A 457 14.59 1.91 19.35
C PHE A 457 13.31 2.22 20.09
N ILE A 458 12.65 3.30 19.71
CA ILE A 458 11.35 3.62 20.28
C ILE A 458 10.36 2.53 19.86
N TYR A 459 10.36 2.13 18.61
CA TYR A 459 9.43 1.10 18.19
C TYR A 459 9.70 -0.22 18.90
N ARG A 460 10.97 -0.55 19.12
CA ARG A 460 11.28 -1.74 19.89
C ARG A 460 10.62 -1.68 21.27
N GLU A 461 10.68 -0.53 21.92
CA GLU A 461 10.00 -0.39 23.20
C GLU A 461 8.55 -0.71 23.10
N ILE A 462 7.91 -0.17 22.08
CA ILE A 462 6.47 -0.36 21.89
C ILE A 462 6.18 -1.82 21.61
N ALA A 463 6.90 -2.40 20.67
CA ALA A 463 6.61 -3.74 20.21
C ALA A 463 6.88 -4.74 21.30
N LYS A 464 8.00 -4.61 22.01
CA LYS A 464 8.35 -5.59 23.04
C LYS A 464 7.40 -5.52 24.22
N SER A 465 6.90 -4.31 24.52
CA SER A 465 5.99 -4.15 25.66
C SER A 465 4.52 -4.26 25.24
N ARG A 466 4.26 -4.25 23.95
CA ARG A 466 2.90 -4.06 23.43
C ARG A 466 2.25 -2.88 24.12
N ALA A 467 2.99 -1.78 24.21
CA ALA A 467 2.52 -0.63 24.90
C ALA A 467 3.32 0.60 24.51
N ILE A 468 2.70 1.76 24.62
CA ILE A 468 3.44 2.99 24.71
C ILE A 468 3.82 3.08 26.18
N THR A 469 5.08 2.85 26.45
CA THR A 469 5.52 2.81 27.81
C THR A 469 5.56 4.21 28.41
N ASP A 470 5.62 4.26 29.73
CA ASP A 470 5.67 5.50 30.43
C ASP A 470 6.85 6.36 29.97
N GLU A 471 7.95 5.72 29.63
CA GLU A 471 9.17 6.42 29.23
C GLU A 471 9.03 7.19 27.93
N ILE A 472 8.16 6.72 27.02
CA ILE A 472 8.08 7.27 25.69
C ILE A 472 6.75 7.95 25.38
N GLU A 473 5.80 7.90 26.31
CA GLU A 473 4.49 8.51 26.05
C GLU A 473 4.53 9.97 25.67
N HIS A 474 5.54 10.71 26.12
CA HIS A 474 5.66 12.11 25.80
C HIS A 474 5.77 12.37 24.31
N LEU A 475 6.20 11.34 23.57
CA LEU A 475 6.32 11.44 22.12
C LEU A 475 4.95 11.48 21.43
N ASN A 476 3.89 11.24 22.19
CA ASN A 476 2.55 11.50 21.68
C ASN A 476 2.30 12.99 21.76
N SER A 477 2.95 13.72 20.88
CA SER A 477 2.90 15.15 20.85
C SER A 477 3.43 15.62 19.51
N VAL A 478 3.19 16.88 19.22
CA VAL A 478 3.62 17.48 17.97
C VAL A 478 5.09 17.86 18.14
N PRO A 479 5.92 17.54 17.15
CA PRO A 479 7.31 17.96 17.20
C PRO A 479 7.42 19.45 17.42
N PRO A 480 8.30 19.87 18.32
CA PRO A 480 8.47 21.29 18.55
C PRO A 480 8.91 21.99 17.27
N LEU A 481 8.35 23.14 16.96
CA LEU A 481 8.62 23.73 15.68
C LEU A 481 9.92 24.48 15.59
N ARG A 482 10.43 25.02 16.70
CA ARG A 482 11.46 26.05 16.53
C ARG A 482 12.68 25.55 15.77
N GLY A 483 13.12 24.35 16.09
CA GLY A 483 14.28 23.74 15.48
C GLY A 483 14.10 23.19 14.08
N LEU A 484 12.85 23.07 13.65
CA LEU A 484 12.54 22.53 12.32
C LEU A 484 12.47 23.65 11.30
N SER A 485 12.50 23.28 10.03
CA SER A 485 12.34 24.25 8.97
C SER A 485 10.97 24.88 9.15
N PRO A 486 10.89 26.19 8.95
CA PRO A 486 9.61 26.86 9.03
C PRO A 486 8.88 26.87 7.71
N GLY A 487 9.58 26.49 6.64
CA GLY A 487 9.08 26.64 5.31
C GLY A 487 8.98 28.12 4.92
N HIS A 488 8.03 28.40 4.07
CA HIS A 488 7.68 29.74 3.68
C HIS A 488 6.33 30.04 4.26
N ARG A 489 6.10 31.32 4.57
CA ARG A 489 4.77 31.76 4.96
C ARG A 489 3.93 32.18 3.78
C TRS B . 3.62 3.53 -0.03
C1 TRS B . 3.76 2.02 0.14
C2 TRS B . 3.73 3.95 -1.48
C3 TRS B . 4.62 4.29 0.83
N TRS B . 2.27 3.92 0.42
O1 TRS B . 2.55 1.38 -0.25
O2 TRS B . 5.10 4.08 -1.74
O2 TRS B . 3.58 5.32 -1.67
O3 TRS B . 4.44 5.72 0.75
O3 TRS B . 5.93 3.88 0.41
C1 GOL C . 21.73 10.18 4.43
O1 GOL C . 21.76 9.19 3.42
C2 GOL C . 20.33 10.37 5.01
O2 GOL C . 20.41 11.40 6.00
C3 GOL C . 19.87 9.08 5.69
O3 GOL C . 18.69 9.27 6.47
C1 GOL D . -10.45 -25.09 -7.49
O1 GOL D . -11.69 -24.71 -6.91
C2 GOL D . -9.35 -24.33 -6.75
O2 GOL D . -8.85 -23.20 -7.46
C3 GOL D . -8.22 -25.28 -6.35
O3 GOL D . -8.82 -26.33 -5.63
C1 GOL E . 10.79 12.96 -9.28
O1 GOL E . 11.33 13.97 -10.16
C2 GOL E . 9.60 13.56 -8.51
O2 GOL E . 9.99 13.90 -7.21
C3 GOL E . 8.45 12.57 -8.44
O3 GOL E . 7.30 13.23 -8.01
MG MG F . 15.22 12.86 16.52
C1 GOL G . 1.96 9.40 -3.18
O1 GOL G . 2.48 10.25 -4.18
C2 GOL G . 3.04 8.37 -2.87
O2 GOL G . 2.76 7.17 -3.55
C3 GOL G . 4.34 8.95 -3.38
O3 GOL G . 5.22 7.92 -3.79
C2 PEG H . -6.43 21.96 13.31
O2 PEG H . -6.41 21.76 11.88
C3 PEG H . -6.61 22.95 11.08
C4 PEG H . -8.02 23.04 10.51
O4 PEG H . -8.71 21.83 10.83
#